data_4L7L
#
_entry.id   4L7L
#
_cell.length_a   55.169
_cell.length_b   56.770
_cell.length_c   56.637
_cell.angle_alpha   90.00
_cell.angle_beta   112.53
_cell.angle_gamma   90.00
#
_symmetry.space_group_name_H-M   'P 1 21 1'
#
loop_
_entity.id
_entity.type
_entity.pdbx_description
1 polymer 'Poly [ADP-ribose] polymerase 3'
2 non-polymer N-[(2S)-1-hydroxy-3-phenylpropan-2-yl]-3-(4-oxo-3,4-dihydroquinazolin-2-yl)propanamide
3 non-polymer 'DIMETHYL SULFOXIDE'
4 water water
#
_entity_poly.entity_id   1
_entity_poly.type   'polypeptide(L)'
_entity_poly.pdbx_seq_one_letter_code
;SMKRVQPCSLDPATQKLITNIFSKEMFKNTMALMDLDVKKMPLGKLSKQQIARGFEALEALEEALKGPTDGGQSLEELSS
HFYTVIPHNFGHSQPPPINSPELLQAKKDMLLVLADIELAQALQAVSEQEKTVEEVPHPLDRDYQLLKCQLQLLDSGAPE
YKVIQTYLEQTGSNHRCPTLQHIWKVNQEGEEDRFQAHSKLGNRKLLWHGTNMAVVAAILTSGLRIMPHSGGRVGKGIYF
ASENSKSAGYVIGMKCGAHHVGYMFLGEVALGREHHINTDNPSLKSPPPGFDSVIARGHTEPDPTQDTELELDGQQVVVP
QGQPVPCPEFSSSTFSQSEYLIYQESQCRLRYLLEVH
;
_entity_poly.pdbx_strand_id   A
#
# COMPACT_ATOMS: atom_id res chain seq x y z
N MET A 2 7.45 28.86 27.75
CA MET A 2 7.64 28.59 26.28
C MET A 2 8.72 27.54 25.84
N LYS A 3 8.30 26.51 25.11
CA LYS A 3 9.16 25.38 24.81
C LYS A 3 10.10 25.67 23.65
N ARG A 4 11.30 25.17 23.76
CA ARG A 4 12.27 25.20 22.68
C ARG A 4 11.90 24.18 21.62
N VAL A 5 11.96 24.58 20.35
CA VAL A 5 11.85 23.63 19.21
C VAL A 5 13.26 23.30 18.76
N GLN A 6 13.65 22.03 18.88
CA GLN A 6 15.02 21.68 18.58
C GLN A 6 15.14 21.64 17.05
N PRO A 7 16.37 21.86 16.55
CA PRO A 7 16.60 21.87 15.12
C PRO A 7 16.35 20.49 14.45
N CYS A 8 15.92 20.53 13.20
CA CYS A 8 15.56 19.29 12.51
C CYS A 8 16.78 18.43 12.18
N SER A 9 16.75 17.15 12.48
CA SER A 9 17.92 16.32 12.26
C SER A 9 17.91 15.70 10.84
N LEU A 10 16.83 15.88 10.06
CA LEU A 10 16.61 15.14 8.82
C LEU A 10 17.19 15.80 7.57
N ASP A 11 17.72 14.99 6.67
CA ASP A 11 18.15 15.47 5.37
C ASP A 11 16.90 16.00 4.57
N PRO A 12 17.10 16.86 3.53
CA PRO A 12 16.03 17.53 2.76
C PRO A 12 14.99 16.57 2.16
N ALA A 13 15.48 15.44 1.67
CA ALA A 13 14.61 14.51 0.95
C ALA A 13 13.69 13.84 1.91
N THR A 14 14.24 13.42 3.06
CA THR A 14 13.43 12.84 4.13
C THR A 14 12.43 13.84 4.71
N GLN A 15 12.81 15.10 4.89
CA GLN A 15 11.89 16.13 5.41
C GLN A 15 10.71 16.28 4.45
N LYS A 16 10.99 16.32 3.16
CA LYS A 16 9.91 16.39 2.16
C LYS A 16 8.98 15.20 2.24
N LEU A 17 9.54 14.01 2.32
CA LEU A 17 8.74 12.76 2.47
C LEU A 17 7.83 12.85 3.68
N ILE A 18 8.40 13.24 4.82
CA ILE A 18 7.65 13.26 6.06
C ILE A 18 6.56 14.33 5.97
N THR A 19 6.89 15.45 5.38
CA THR A 19 5.88 16.49 5.09
C THR A 19 4.73 15.94 4.22
N ASN A 20 5.09 15.24 3.15
CA ASN A 20 4.12 14.73 2.18
C ASN A 20 3.18 13.71 2.79
N ILE A 21 3.68 12.77 3.60
CA ILE A 21 2.88 11.62 4.02
C ILE A 21 2.02 11.87 5.23
N PHE A 22 2.27 13.00 5.92
CA PHE A 22 1.38 13.46 7.00
C PHE A 22 0.59 14.77 6.66
N SER A 23 0.71 15.26 5.42
CA SER A 23 0.04 16.49 4.96
C SER A 23 -1.48 16.42 5.04
N LYS A 24 -2.06 17.36 5.77
CA LYS A 24 -3.54 17.46 5.81
C LYS A 24 -4.18 17.70 4.41
N GLU A 25 -3.52 18.51 3.61
CA GLU A 25 -3.91 18.72 2.21
C GLU A 25 -3.98 17.39 1.43
N MET A 26 -2.89 16.61 1.50
CA MET A 26 -2.78 15.31 0.84
C MET A 26 -3.95 14.43 1.29
N PHE A 27 -4.16 14.37 2.59
CA PHE A 27 -5.26 13.57 3.16
C PHE A 27 -6.65 14.04 2.68
N LYS A 28 -6.92 15.34 2.76
CA LYS A 28 -8.23 15.83 2.28
C LYS A 28 -8.36 15.59 0.77
N ASN A 29 -7.26 15.83 0.02
CA ASN A 29 -7.24 15.54 -1.41
C ASN A 29 -7.64 14.13 -1.66
N THR A 30 -7.07 13.21 -0.86
CA THR A 30 -7.30 11.79 -1.08
C THR A 30 -8.79 11.52 -0.85
N MET A 31 -9.34 12.13 0.21
CA MET A 31 -10.77 11.96 0.52
C MET A 31 -11.66 12.49 -0.61
N ALA A 32 -11.33 13.68 -1.12
CA ALA A 32 -12.12 14.28 -2.20
C ALA A 32 -12.11 13.37 -3.44
N LEU A 33 -10.99 12.70 -3.68
CA LEU A 33 -10.81 11.84 -4.81
C LEU A 33 -11.54 10.53 -4.62
N MET A 34 -11.92 10.19 -3.39
CA MET A 34 -12.74 9.02 -3.09
C MET A 34 -14.20 9.42 -2.93
N ASP A 35 -14.53 10.66 -3.28
CA ASP A 35 -15.88 11.22 -3.24
C ASP A 35 -16.46 11.48 -1.86
N LEU A 36 -15.60 11.59 -0.85
CA LEU A 36 -16.05 11.84 0.52
C LEU A 36 -16.29 13.31 0.77
N ASP A 37 -17.25 13.59 1.65
CA ASP A 37 -17.56 14.97 1.99
C ASP A 37 -16.66 15.43 3.14
N VAL A 38 -15.55 16.10 2.82
CA VAL A 38 -14.58 16.53 3.82
C VAL A 38 -15.12 17.60 4.79
N LYS A 39 -16.14 18.36 4.37
CA LYS A 39 -16.72 19.38 5.22
C LYS A 39 -17.55 18.71 6.31
N LYS A 40 -18.23 17.59 5.99
CA LYS A 40 -19.01 16.81 6.96
C LYS A 40 -18.20 15.74 7.67
N MET A 41 -16.96 15.52 7.20
CA MET A 41 -16.08 14.49 7.74
C MET A 41 -14.66 15.03 7.77
N PRO A 42 -14.40 16.05 8.62
CA PRO A 42 -13.04 16.62 8.67
C PRO A 42 -12.06 15.63 9.28
N LEU A 43 -10.77 15.82 9.05
CA LEU A 43 -9.73 14.88 9.47
C LEU A 43 -9.75 14.63 10.96
N GLY A 44 -9.89 15.72 11.68
CA GLY A 44 -9.88 15.62 13.13
C GLY A 44 -11.14 15.00 13.65
N LYS A 45 -12.14 14.80 12.80
CA LYS A 45 -13.40 14.23 13.25
C LYS A 45 -13.49 12.74 12.94
N LEU A 46 -12.68 12.23 12.01
CA LEU A 46 -12.65 10.80 11.68
C LEU A 46 -12.41 9.97 12.91
N SER A 47 -13.28 8.97 13.13
CA SER A 47 -13.07 8.03 14.23
C SER A 47 -13.08 6.58 13.82
N LYS A 48 -12.45 5.77 14.68
CA LYS A 48 -12.47 4.33 14.50
C LYS A 48 -13.90 3.78 14.52
N GLN A 49 -14.71 4.29 15.44
CA GLN A 49 -16.11 3.94 15.54
C GLN A 49 -16.88 4.23 14.26
N GLN A 50 -16.57 5.36 13.62
CA GLN A 50 -17.32 5.77 12.43
C GLN A 50 -17.01 4.78 11.31
N ILE A 51 -15.71 4.52 11.13
CA ILE A 51 -15.23 3.54 10.15
C ILE A 51 -15.78 2.14 10.41
N ALA A 52 -15.78 1.72 11.68
CA ALA A 52 -16.37 0.42 12.08
C ALA A 52 -17.85 0.35 11.66
N ARG A 53 -18.59 1.41 11.90
CA ARG A 53 -19.99 1.47 11.49
C ARG A 53 -20.20 1.44 9.96
N GLY A 54 -19.27 2.04 9.22
CA GLY A 54 -19.27 1.96 7.76
C GLY A 54 -19.06 0.55 7.25
N PHE A 55 -18.13 -0.19 7.84
CA PHE A 55 -17.96 -1.57 7.45
C PHE A 55 -19.20 -2.40 7.84
N GLU A 56 -19.83 -2.09 8.96
CA GLU A 56 -21.09 -2.80 9.30
C GLU A 56 -22.15 -2.53 8.26
N ALA A 57 -22.18 -1.32 7.75
CA ALA A 57 -23.19 -0.94 6.77
C ALA A 57 -22.92 -1.67 5.46
N LEU A 58 -21.65 -1.84 5.10
CA LEU A 58 -21.29 -2.56 3.89
C LEU A 58 -21.56 -4.06 4.00
N GLU A 59 -21.30 -4.63 5.18
CA GLU A 59 -21.59 -6.04 5.42
C GLU A 59 -23.09 -6.34 5.28
N ALA A 60 -23.93 -5.38 5.71
CA ALA A 60 -25.39 -5.52 5.54
C ALA A 60 -25.76 -5.47 4.07
N LEU A 61 -25.09 -4.59 3.32
CA LEU A 61 -25.26 -4.54 1.87
C LEU A 61 -24.80 -5.84 1.20
N GLU A 62 -23.71 -6.41 1.65
CA GLU A 62 -23.16 -7.62 1.04
C GLU A 62 -24.12 -8.78 1.26
N GLU A 63 -24.76 -8.79 2.42
CA GLU A 63 -25.70 -9.85 2.75
C GLU A 63 -26.93 -9.77 1.85
N ALA A 64 -27.46 -8.57 1.70
CA ALA A 64 -28.60 -8.31 0.81
C ALA A 64 -28.29 -8.64 -0.66
N LEU A 65 -27.04 -8.46 -1.08
CA LEU A 65 -26.63 -8.75 -2.46
C LEU A 65 -26.53 -10.27 -2.74
N LYS A 66 -26.40 -11.08 -1.70
CA LYS A 66 -26.45 -12.56 -1.80
C LYS A 66 -27.76 -13.19 -1.30
N ASP A 70 -35.79 -11.68 0.51
CA ASP A 70 -36.27 -12.19 1.79
C ASP A 70 -37.04 -11.17 2.65
N GLY A 71 -37.51 -10.08 2.04
CA GLY A 71 -38.24 -9.02 2.77
C GLY A 71 -37.34 -8.14 3.62
N GLY A 72 -36.04 -8.21 3.41
CA GLY A 72 -35.12 -7.33 4.10
C GLY A 72 -35.14 -5.94 3.50
N GLN A 73 -34.35 -5.04 4.09
CA GLN A 73 -34.21 -3.68 3.55
C GLN A 73 -33.71 -3.72 2.08
N SER A 74 -34.21 -2.81 1.25
CA SER A 74 -33.78 -2.71 -0.16
C SER A 74 -32.32 -2.23 -0.24
N LEU A 75 -31.74 -2.33 -1.43
CA LEU A 75 -30.38 -1.87 -1.66
C LEU A 75 -30.33 -0.34 -1.46
N GLU A 76 -31.33 0.36 -1.97
CA GLU A 76 -31.42 1.82 -1.80
C GLU A 76 -31.36 2.21 -0.35
N GLU A 77 -32.08 1.48 0.49
CA GLU A 77 -32.27 1.87 1.86
C GLU A 77 -30.97 1.57 2.69
N LEU A 78 -30.37 0.43 2.41
CA LEU A 78 -29.13 0.08 3.09
C LEU A 78 -27.98 0.97 2.59
N SER A 79 -28.04 1.41 1.34
CA SER A 79 -27.05 2.35 0.79
C SER A 79 -27.20 3.70 1.49
N SER A 80 -28.43 4.17 1.61
CA SER A 80 -28.69 5.42 2.31
C SER A 80 -28.23 5.39 3.77
N HIS A 81 -28.39 4.26 4.46
CA HIS A 81 -27.76 4.17 5.76
C HIS A 81 -26.22 4.28 5.71
N PHE A 82 -25.57 3.60 4.76
CA PHE A 82 -24.09 3.75 4.61
C PHE A 82 -23.67 5.23 4.45
N TYR A 83 -24.41 5.94 3.62
CA TYR A 83 -24.05 7.32 3.26
C TYR A 83 -24.33 8.28 4.40
N THR A 84 -25.26 7.96 5.26
CA THR A 84 -25.42 8.70 6.52
C THR A 84 -24.19 8.49 7.43
N VAL A 85 -23.65 7.27 7.47
CA VAL A 85 -22.49 6.98 8.30
C VAL A 85 -21.21 7.56 7.72
N ILE A 86 -21.05 7.44 6.40
CA ILE A 86 -19.89 7.94 5.70
C ILE A 86 -20.35 8.96 4.64
N PRO A 87 -20.37 10.26 5.00
CA PRO A 87 -20.82 11.33 4.10
C PRO A 87 -20.03 11.42 2.80
N HIS A 88 -20.74 11.36 1.69
CA HIS A 88 -20.15 11.49 0.37
C HIS A 88 -20.58 12.78 -0.24
N ASN A 89 -19.76 13.28 -1.15
CA ASN A 89 -20.09 14.46 -1.88
C ASN A 89 -20.15 14.13 -3.37
N PHE A 90 -21.27 14.49 -3.98
CA PHE A 90 -21.50 14.24 -5.41
C PHE A 90 -22.23 15.48 -5.94
N GLY A 91 -21.63 16.65 -5.73
CA GLY A 91 -22.30 17.96 -5.97
C GLY A 91 -23.71 18.10 -5.41
N HIS A 92 -23.91 17.65 -4.17
CA HIS A 92 -25.27 17.69 -3.59
C HIS A 92 -26.37 17.15 -4.53
N SER A 93 -26.02 16.11 -5.27
CA SER A 93 -27.02 15.23 -5.88
C SER A 93 -27.09 14.09 -4.91
N GLN A 94 -28.09 13.23 -5.06
CA GLN A 94 -28.15 12.04 -4.23
C GLN A 94 -26.91 11.19 -4.57
N PRO A 95 -26.35 10.46 -3.57
CA PRO A 95 -25.30 9.49 -3.90
C PRO A 95 -25.94 8.21 -4.44
N PRO A 96 -25.18 7.40 -5.21
CA PRO A 96 -25.76 6.27 -5.94
C PRO A 96 -25.82 4.95 -5.11
N PRO A 97 -26.75 4.05 -5.44
CA PRO A 97 -26.96 2.80 -4.68
C PRO A 97 -25.86 1.80 -4.93
N ILE A 98 -25.51 1.04 -3.89
CA ILE A 98 -24.38 0.10 -3.89
C ILE A 98 -24.98 -1.29 -4.20
N ASN A 99 -25.05 -1.58 -5.48
CA ASN A 99 -25.88 -2.69 -5.99
C ASN A 99 -25.15 -3.63 -6.92
N SER A 100 -23.82 -3.72 -6.78
CA SER A 100 -23.02 -4.65 -7.59
C SER A 100 -21.86 -5.07 -6.72
N PRO A 101 -21.33 -6.26 -6.98
CA PRO A 101 -20.11 -6.73 -6.32
C PRO A 101 -18.94 -5.76 -6.50
N GLU A 102 -18.84 -5.16 -7.68
CA GLU A 102 -17.74 -4.29 -8.00
C GLU A 102 -17.82 -2.99 -7.19
N LEU A 103 -19.04 -2.45 -7.06
CA LEU A 103 -19.26 -1.23 -6.31
C LEU A 103 -19.05 -1.46 -4.78
N LEU A 104 -19.54 -2.60 -4.31
CA LEU A 104 -19.32 -2.98 -2.92
C LEU A 104 -17.83 -3.06 -2.55
N GLN A 105 -17.02 -3.74 -3.36
CA GLN A 105 -15.58 -3.80 -3.06
C GLN A 105 -14.95 -2.40 -3.11
N ALA A 106 -15.39 -1.54 -4.03
CA ALA A 106 -14.86 -0.18 -4.15
C ALA A 106 -15.10 0.61 -2.85
N LYS A 107 -16.30 0.54 -2.31
CA LYS A 107 -16.59 1.14 -1.02
C LYS A 107 -15.79 0.50 0.14
N LYS A 108 -15.58 -0.81 0.10
CA LYS A 108 -14.69 -1.45 1.08
C LYS A 108 -13.25 -0.93 0.96
N ASP A 109 -12.78 -0.74 -0.27
CA ASP A 109 -11.41 -0.25 -0.55
C ASP A 109 -11.20 1.23 -0.11
N MET A 110 -12.21 2.06 -0.36
CA MET A 110 -12.28 3.40 0.20
C MET A 110 -12.17 3.37 1.71
N LEU A 111 -12.94 2.51 2.38
CA LEU A 111 -12.91 2.53 3.84
C LEU A 111 -11.59 2.05 4.39
N LEU A 112 -10.93 1.15 3.70
CA LEU A 112 -9.56 0.71 4.08
C LEU A 112 -8.53 1.85 3.98
N VAL A 113 -8.68 2.64 2.92
CA VAL A 113 -7.87 3.83 2.77
C VAL A 113 -8.21 4.83 3.90
N LEU A 114 -9.50 5.08 4.10
CA LEU A 114 -9.94 5.98 5.18
C LEU A 114 -9.48 5.54 6.58
N ALA A 115 -9.45 4.22 6.82
CA ALA A 115 -8.96 3.69 8.10
C ALA A 115 -7.46 4.01 8.35
N ASP A 116 -6.68 4.03 7.28
CA ASP A 116 -5.26 4.35 7.37
C ASP A 116 -5.00 5.86 7.48
N ILE A 117 -5.91 6.67 6.97
CA ILE A 117 -5.84 8.09 7.15
C ILE A 117 -6.11 8.33 8.66
N GLU A 118 -7.13 7.69 9.19
CA GLU A 118 -7.47 7.82 10.61
C GLU A 118 -6.31 7.36 11.49
N LEU A 119 -5.69 6.24 11.13
CA LEU A 119 -4.51 5.75 11.82
C LEU A 119 -3.46 6.86 11.91
N ALA A 120 -3.19 7.55 10.79
CA ALA A 120 -2.21 8.62 10.77
C ALA A 120 -2.65 9.79 11.64
N GLN A 121 -3.95 10.10 11.67
CA GLN A 121 -4.43 11.10 12.61
C GLN A 121 -4.18 10.69 14.07
N ALA A 122 -4.55 9.46 14.43
CA ALA A 122 -4.45 8.97 15.81
C ALA A 122 -2.99 8.97 16.24
N LEU A 123 -2.12 8.55 15.32
CA LEU A 123 -0.70 8.48 15.57
C LEU A 123 -0.14 9.84 16.01
N GLN A 124 -0.67 10.90 15.42
CA GLN A 124 -0.20 12.26 15.68
C GLN A 124 -0.69 12.87 16.97
N ALA A 125 -1.75 12.33 17.58
CA ALA A 125 -2.24 12.80 18.90
C ALA A 125 -1.06 13.11 19.82
N VAL A 126 -1.09 14.26 20.49
CA VAL A 126 -0.03 14.72 21.38
C VAL A 126 -0.06 13.98 22.73
N SER A 127 1.01 13.26 23.06
CA SER A 127 1.06 12.48 24.30
C SER A 127 1.24 13.42 25.50
N GLU A 128 1.05 12.85 26.68
CA GLU A 128 1.20 13.57 27.95
C GLU A 128 2.65 13.93 28.25
N GLN A 129 3.58 13.01 28.02
CA GLN A 129 5.01 13.38 28.15
C GLN A 129 5.33 14.61 27.28
N GLU A 130 4.89 14.60 26.03
CA GLU A 130 5.13 15.73 25.11
C GLU A 130 4.59 17.08 25.62
N LYS A 131 3.52 17.04 26.45
CA LYS A 131 2.98 18.27 27.07
C LYS A 131 3.80 18.78 28.26
N THR A 132 4.47 17.88 28.98
CA THR A 132 5.29 18.27 30.12
C THR A 132 6.79 18.58 29.81
N VAL A 133 7.41 17.92 28.83
CA VAL A 133 8.83 18.19 28.50
C VAL A 133 8.98 19.67 28.04
N GLU A 134 10.13 20.27 28.32
CA GLU A 134 10.36 21.70 28.01
C GLU A 134 11.03 21.97 26.67
N GLU A 135 11.45 20.93 25.96
CA GLU A 135 11.94 21.06 24.61
C GLU A 135 11.24 20.01 23.75
N VAL A 136 10.82 20.37 22.54
CA VAL A 136 10.20 19.42 21.64
C VAL A 136 11.08 19.23 20.40
N PRO A 137 10.99 18.04 19.77
CA PRO A 137 11.69 17.90 18.53
C PRO A 137 11.05 18.79 17.45
N HIS A 138 11.83 19.15 16.47
CA HIS A 138 11.24 19.70 15.26
C HIS A 138 10.05 18.84 14.82
N PRO A 139 8.97 19.46 14.33
CA PRO A 139 7.78 18.70 13.95
C PRO A 139 8.02 17.54 13.00
N LEU A 140 8.97 17.68 12.08
CA LEU A 140 9.29 16.58 11.14
C LEU A 140 10.06 15.41 11.82
N ASP A 141 10.91 15.75 12.79
CA ASP A 141 11.54 14.72 13.63
C ASP A 141 10.52 14.03 14.49
N ARG A 142 9.55 14.78 14.98
CA ARG A 142 8.47 14.15 15.77
C ARG A 142 7.68 13.18 14.89
N ASP A 143 7.27 13.63 13.69
CA ASP A 143 6.45 12.79 12.81
C ASP A 143 7.25 11.55 12.35
N TYR A 144 8.53 11.73 12.03
CA TYR A 144 9.39 10.60 11.68
C TYR A 144 9.44 9.54 12.82
N GLN A 145 9.73 10.01 14.03
CA GLN A 145 9.77 9.14 15.22
C GLN A 145 8.46 8.42 15.47
N LEU A 146 7.34 9.03 15.17
CA LEU A 146 6.04 8.35 15.33
C LEU A 146 5.91 7.07 14.52
N LEU A 147 6.58 6.99 13.38
CA LEU A 147 6.58 5.83 12.51
C LEU A 147 7.24 4.61 13.13
N LYS A 148 8.17 4.83 14.06
CA LYS A 148 8.96 3.76 14.64
C LYS A 148 9.47 2.88 13.50
N CYS A 149 10.00 3.56 12.50
CA CYS A 149 10.51 2.94 11.29
C CYS A 149 11.74 3.71 10.87
N GLN A 150 12.87 3.03 10.75
CA GLN A 150 14.11 3.66 10.31
C GLN A 150 14.15 3.78 8.79
N LEU A 151 14.51 4.96 8.32
CA LEU A 151 14.60 5.25 6.91
C LEU A 151 15.99 5.74 6.72
N GLN A 152 16.74 5.17 5.80
CA GLN A 152 18.03 5.69 5.40
C GLN A 152 18.02 5.97 3.94
N LEU A 153 18.22 7.24 3.59
CA LEU A 153 18.34 7.67 2.22
C LEU A 153 19.63 7.12 1.61
N LEU A 154 19.50 6.60 0.39
CA LEU A 154 20.58 5.98 -0.30
C LEU A 154 21.15 6.97 -1.28
N ASP A 155 22.47 6.94 -1.48
CA ASP A 155 23.03 7.68 -2.62
C ASP A 155 23.43 6.72 -3.73
N SER A 156 23.96 7.31 -4.80
CA SER A 156 24.16 6.65 -6.11
C SER A 156 25.02 5.43 -6.14
N GLY A 157 25.88 5.30 -5.16
CA GLY A 157 26.80 4.20 -5.11
C GLY A 157 26.56 3.25 -3.94
N ALA A 158 25.38 3.32 -3.29
CA ALA A 158 24.94 2.25 -2.40
C ALA A 158 24.84 0.98 -3.25
N PRO A 159 25.22 -0.18 -2.71
CA PRO A 159 25.36 -1.37 -3.55
C PRO A 159 24.09 -1.82 -4.29
N GLU A 160 22.93 -1.66 -3.70
CA GLU A 160 21.65 -1.98 -4.34
C GLU A 160 21.07 -0.88 -5.29
N TYR A 161 21.65 0.33 -5.33
CA TYR A 161 21.00 1.47 -6.02
C TYR A 161 20.71 1.22 -7.51
N LYS A 162 21.75 0.84 -8.24
CA LYS A 162 21.70 0.47 -9.66
C LYS A 162 20.84 -0.75 -9.97
N VAL A 163 20.92 -1.74 -9.12
CA VAL A 163 19.97 -2.82 -9.18
C VAL A 163 18.48 -2.36 -9.08
N ILE A 164 18.16 -1.48 -8.14
CA ILE A 164 16.80 -1.00 -7.95
C ILE A 164 16.33 -0.16 -9.18
N GLN A 165 17.20 0.76 -9.55
CA GLN A 165 17.05 1.59 -10.70
C GLN A 165 16.76 0.80 -11.96
N THR A 166 17.55 -0.23 -12.20
CA THR A 166 17.42 -1.12 -13.33
C THR A 166 16.08 -1.88 -13.29
N TYR A 167 15.68 -2.32 -12.09
CA TYR A 167 14.37 -2.97 -11.90
C TYR A 167 13.24 -2.02 -12.29
N LEU A 168 13.31 -0.79 -11.77
CA LEU A 168 12.39 0.27 -12.13
C LEU A 168 12.36 0.54 -13.64
N GLU A 169 13.51 0.72 -14.28
CA GLU A 169 13.53 1.15 -15.67
C GLU A 169 13.15 0.03 -16.64
N GLN A 170 13.57 -1.19 -16.34
CA GLN A 170 13.33 -2.29 -17.24
C GLN A 170 11.91 -2.83 -17.14
N THR A 171 11.25 -2.71 -15.98
CA THR A 171 9.89 -3.22 -15.84
C THR A 171 8.80 -2.17 -15.75
N GLY A 172 9.19 -0.88 -15.72
CA GLY A 172 8.25 0.25 -15.77
C GLY A 172 7.68 0.54 -17.16
N SER A 173 6.77 1.51 -17.32
CA SER A 173 6.13 1.71 -18.65
C SER A 173 7.14 2.09 -19.67
N ASN A 174 7.02 1.54 -20.89
CA ASN A 174 7.99 1.89 -21.96
C ASN A 174 7.99 3.36 -22.37
N HIS A 175 6.85 4.03 -22.40
CA HIS A 175 6.81 5.41 -22.90
C HIS A 175 6.94 6.57 -21.86
N ARG A 176 6.33 6.41 -20.68
CA ARG A 176 6.47 7.41 -19.60
C ARG A 176 6.82 6.70 -18.27
N CYS A 177 8.00 6.09 -18.24
CA CYS A 177 8.48 5.39 -17.05
C CYS A 177 8.59 6.38 -15.90
N PRO A 178 8.12 6.00 -14.72
CA PRO A 178 8.33 6.95 -13.60
C PRO A 178 9.81 7.27 -13.41
N THR A 179 10.12 8.52 -13.11
CA THR A 179 11.50 8.97 -12.89
C THR A 179 11.86 8.81 -11.40
N LEU A 180 12.96 8.12 -11.15
CA LEU A 180 13.45 7.92 -9.79
C LEU A 180 13.98 9.22 -9.18
N GLN A 181 13.49 9.60 -8.01
CA GLN A 181 14.03 10.81 -7.34
C GLN A 181 14.87 10.31 -6.18
N HIS A 182 14.27 9.54 -5.27
CA HIS A 182 15.00 9.04 -4.07
C HIS A 182 14.65 7.59 -3.78
N ILE A 183 15.58 6.91 -3.13
CA ILE A 183 15.35 5.61 -2.52
C ILE A 183 15.74 5.67 -1.05
N TRP A 184 14.86 5.17 -0.18
CA TRP A 184 15.22 4.94 1.22
C TRP A 184 15.20 3.45 1.51
N LYS A 185 16.18 2.98 2.29
CA LYS A 185 16.10 1.66 2.84
C LYS A 185 15.17 1.78 4.03
N VAL A 186 14.36 0.75 4.24
CA VAL A 186 13.33 0.78 5.25
C VAL A 186 13.64 -0.36 6.19
N ASN A 187 13.88 -0.02 7.44
CA ASN A 187 13.99 -1.03 8.45
C ASN A 187 12.92 -0.77 9.50
N GLN A 188 11.81 -1.47 9.38
CA GLN A 188 10.77 -1.41 10.39
C GLN A 188 11.01 -2.54 11.36
N GLU A 189 11.54 -2.26 12.54
CA GLU A 189 11.90 -3.37 13.44
C GLU A 189 10.64 -3.93 14.12
N GLY A 190 10.65 -5.24 14.33
CA GLY A 190 9.40 -5.91 14.72
C GLY A 190 8.52 -6.16 13.50
N GLU A 191 9.09 -5.96 12.31
CA GLU A 191 8.82 -6.84 11.19
C GLU A 191 9.86 -7.95 11.26
N GLU A 192 10.97 -7.69 11.95
CA GLU A 192 12.15 -8.57 11.89
C GLU A 192 11.87 -9.95 12.48
N ASP A 193 11.28 -10.00 13.67
CA ASP A 193 11.05 -11.28 14.35
C ASP A 193 10.07 -12.23 13.61
N ARG A 194 8.93 -11.71 13.12
CA ARG A 194 7.98 -12.53 12.36
C ARG A 194 8.58 -13.03 11.02
N PHE A 195 9.32 -12.17 10.34
CA PHE A 195 9.96 -12.51 9.07
C PHE A 195 11.08 -13.58 9.21
N GLN A 196 11.84 -13.51 10.30
CA GLN A 196 12.84 -14.55 10.63
C GLN A 196 12.17 -15.92 10.66
N ALA A 197 10.92 -15.96 11.11
CA ALA A 197 10.15 -17.22 11.15
C ALA A 197 10.33 -18.04 9.84
N HIS A 198 10.24 -17.36 8.69
CA HIS A 198 10.24 -18.03 7.39
C HIS A 198 11.66 -18.13 6.82
N SER A 199 12.64 -18.12 7.72
CA SER A 199 14.05 -18.20 7.38
C SER A 199 14.47 -19.38 6.50
N LYS A 200 13.81 -20.53 6.66
CA LYS A 200 14.20 -21.75 5.94
C LYS A 200 13.49 -21.80 4.59
N LEU A 201 12.44 -20.99 4.48
CA LEU A 201 11.68 -20.81 3.24
C LEU A 201 12.61 -20.10 2.23
N GLY A 202 12.92 -20.80 1.14
CA GLY A 202 13.70 -20.23 0.08
C GLY A 202 12.75 -19.46 -0.85
N ASN A 203 13.20 -19.25 -2.07
CA ASN A 203 12.41 -18.50 -3.05
C ASN A 203 11.93 -17.11 -2.51
N ARG A 204 12.88 -16.21 -2.33
CA ARG A 204 12.59 -14.84 -1.94
C ARG A 204 12.71 -13.97 -3.15
N LYS A 205 11.82 -13.01 -3.30
CA LYS A 205 11.87 -12.12 -4.43
C LYS A 205 11.56 -10.71 -3.96
N LEU A 206 12.23 -9.74 -4.52
CA LEU A 206 11.97 -8.36 -4.17
C LEU A 206 10.87 -7.90 -5.18
N LEU A 207 9.76 -7.40 -4.66
CA LEU A 207 8.55 -7.13 -5.45
C LEU A 207 7.99 -5.76 -5.14
N TRP A 208 7.29 -5.20 -6.14
CA TRP A 208 6.68 -3.89 -6.07
C TRP A 208 5.36 -3.96 -5.39
N HIS A 209 5.09 -2.96 -4.55
CA HIS A 209 3.78 -2.64 -4.03
C HIS A 209 3.58 -1.12 -4.14
N GLY A 210 2.78 -0.72 -5.12
CA GLY A 210 2.37 0.68 -5.30
C GLY A 210 1.12 0.93 -4.50
N THR A 211 0.99 2.14 -3.91
CA THR A 211 -0.22 2.59 -3.17
C THR A 211 -0.37 4.11 -3.34
N ASN A 212 -1.48 4.64 -2.87
CA ASN A 212 -1.62 6.07 -2.79
C ASN A 212 -0.94 6.67 -1.55
N MET A 213 -0.63 7.95 -1.66
CA MET A 213 0.17 8.61 -0.68
C MET A 213 -0.47 8.59 0.72
N ALA A 214 -1.79 8.52 0.78
CA ALA A 214 -2.53 8.59 2.05
C ALA A 214 -2.37 7.39 2.92
N VAL A 215 -1.80 6.31 2.40
CA VAL A 215 -1.56 5.12 3.27
C VAL A 215 -0.08 4.77 3.53
N VAL A 216 0.85 5.63 3.07
CA VAL A 216 2.28 5.37 3.20
C VAL A 216 2.70 5.41 4.70
N ALA A 217 2.25 6.44 5.42
CA ALA A 217 2.55 6.52 6.84
C ALA A 217 2.10 5.27 7.61
N ALA A 218 0.84 4.85 7.39
CA ALA A 218 0.30 3.63 8.03
C ALA A 218 1.15 2.40 7.73
N ILE A 219 1.55 2.24 6.47
CA ILE A 219 2.39 1.13 6.06
C ILE A 219 3.74 1.19 6.73
N LEU A 220 4.36 2.37 6.74
CA LEU A 220 5.63 2.52 7.41
C LEU A 220 5.53 2.17 8.87
N THR A 221 4.40 2.50 9.49
CA THR A 221 4.15 2.24 10.90
C THR A 221 3.81 0.77 11.22
N SER A 222 2.96 0.14 10.40
CA SER A 222 2.39 -1.15 10.74
C SER A 222 2.70 -2.29 9.75
N GLY A 223 3.42 -1.97 8.68
CA GLY A 223 3.76 -2.93 7.61
C GLY A 223 2.61 -3.08 6.64
N LEU A 224 2.78 -3.93 5.62
CA LEU A 224 1.66 -4.34 4.75
C LEU A 224 0.78 -5.34 5.51
N ARG A 225 -0.51 -5.07 5.49
CA ARG A 225 -1.49 -5.78 6.26
C ARG A 225 -2.59 -6.40 5.35
N ILE A 226 -3.17 -7.49 5.85
CA ILE A 226 -4.38 -8.10 5.29
C ILE A 226 -5.46 -7.70 6.28
N MET A 227 -6.45 -6.92 5.84
CA MET A 227 -7.48 -6.40 6.75
C MET A 227 -8.74 -7.18 6.53
N PRO A 228 -9.62 -7.25 7.54
CA PRO A 228 -10.89 -7.88 7.16
C PRO A 228 -11.41 -7.00 6.03
N HIS A 229 -12.10 -7.58 5.08
CA HIS A 229 -12.60 -6.83 3.91
C HIS A 229 -11.58 -6.54 2.81
N SER A 230 -10.30 -6.87 2.99
CA SER A 230 -9.30 -6.85 1.87
C SER A 230 -9.83 -7.80 0.79
N GLY A 231 -9.64 -7.48 -0.46
CA GLY A 231 -10.05 -8.38 -1.52
C GLY A 231 -9.48 -7.96 -2.83
N GLY A 232 -9.97 -8.59 -3.91
CA GLY A 232 -9.42 -8.41 -5.24
C GLY A 232 -9.45 -9.70 -6.06
N ARG A 233 -8.75 -9.65 -7.19
CA ARG A 233 -8.81 -10.71 -8.16
C ARG A 233 -8.24 -12.04 -7.71
N VAL A 234 -7.41 -12.01 -6.67
CA VAL A 234 -6.81 -13.23 -6.11
C VAL A 234 -7.09 -13.38 -4.61
N GLY A 235 -8.19 -12.79 -4.18
CA GLY A 235 -8.62 -12.86 -2.82
C GLY A 235 -7.95 -11.97 -1.80
N LYS A 236 -7.97 -12.49 -0.59
CA LYS A 236 -7.74 -11.75 0.66
C LYS A 236 -6.34 -12.01 1.08
N GLY A 237 -5.44 -11.33 0.38
CA GLY A 237 -4.05 -11.31 0.79
C GLY A 237 -3.39 -10.00 0.49
N ILE A 238 -2.05 -10.04 0.46
CA ILE A 238 -1.23 -8.88 0.13
C ILE A 238 -0.67 -9.06 -1.31
N TYR A 239 -0.92 -8.06 -2.15
CA TYR A 239 -0.66 -8.07 -3.57
C TYR A 239 0.61 -7.35 -3.90
N PHE A 240 1.38 -8.01 -4.76
CA PHE A 240 2.63 -7.46 -5.30
C PHE A 240 2.73 -7.70 -6.79
N ALA A 241 3.63 -6.96 -7.42
CA ALA A 241 3.94 -7.15 -8.85
C ALA A 241 5.43 -7.27 -9.09
N SER A 242 5.81 -8.07 -10.07
CA SER A 242 7.15 -8.10 -10.61
C SER A 242 7.38 -7.01 -11.64
N GLU A 243 6.31 -6.46 -12.22
CA GLU A 243 6.43 -5.39 -13.22
C GLU A 243 6.04 -4.10 -12.53
N ASN A 244 6.99 -3.20 -12.46
CA ASN A 244 6.73 -1.89 -11.90
C ASN A 244 5.52 -1.19 -12.48
N SER A 245 5.33 -1.28 -13.80
CA SER A 245 4.17 -0.67 -14.43
C SER A 245 2.80 -1.14 -13.89
N LYS A 246 2.65 -2.41 -13.47
CA LYS A 246 1.40 -2.86 -12.80
C LYS A 246 1.19 -2.12 -11.45
N SER A 247 2.23 -2.11 -10.62
CA SER A 247 2.14 -1.45 -9.34
C SER A 247 1.98 0.06 -9.46
N ALA A 248 2.63 0.69 -10.45
CA ALA A 248 2.51 2.12 -10.68
C ALA A 248 1.08 2.52 -10.97
N GLY A 249 0.28 1.59 -11.51
CA GLY A 249 -1.13 1.79 -11.75
C GLY A 249 -1.87 2.23 -10.49
N TYR A 250 -1.34 1.88 -9.30
CA TYR A 250 -2.02 2.19 -8.03
C TYR A 250 -1.51 3.41 -7.29
N VAL A 251 -0.58 4.13 -7.91
CA VAL A 251 -0.01 5.32 -7.32
C VAL A 251 -0.77 6.52 -7.84
N ILE A 252 -1.60 7.14 -7.01
CA ILE A 252 -2.42 8.27 -7.54
C ILE A 252 -1.53 9.43 -8.04
N GLY A 253 -0.51 9.81 -7.28
CA GLY A 253 0.37 10.90 -7.71
C GLY A 253 -0.23 12.27 -7.38
N MET A 254 0.32 12.92 -6.34
CA MET A 254 -0.16 14.25 -5.92
C MET A 254 0.59 15.38 -6.65
N LYS A 255 -0.15 16.36 -7.16
CA LYS A 255 0.44 17.52 -7.81
C LYS A 255 1.16 18.39 -6.77
N CYS A 256 2.44 18.63 -7.01
CA CYS A 256 3.27 19.54 -6.19
C CYS A 256 4.09 20.42 -7.11
N GLY A 257 3.85 21.73 -7.11
CA GLY A 257 4.53 22.59 -8.07
C GLY A 257 4.24 22.10 -9.47
N ALA A 258 5.27 21.94 -10.31
CA ALA A 258 5.08 21.61 -11.74
C ALA A 258 5.00 20.10 -12.04
N HIS A 259 5.12 19.25 -11.02
CA HIS A 259 5.21 17.79 -11.21
C HIS A 259 4.23 16.99 -10.35
N HIS A 260 4.17 15.69 -10.62
CA HIS A 260 3.42 14.75 -9.77
C HIS A 260 4.42 14.01 -8.89
N VAL A 261 4.13 13.87 -7.61
CA VAL A 261 5.00 13.09 -6.73
C VAL A 261 4.26 11.81 -6.28
N GLY A 262 4.95 10.69 -6.26
CA GLY A 262 4.37 9.45 -5.71
C GLY A 262 5.41 8.52 -5.08
N TYR A 263 4.93 7.51 -4.39
CA TYR A 263 5.77 6.61 -3.58
C TYR A 263 5.43 5.18 -3.84
N MET A 264 6.46 4.34 -3.90
CA MET A 264 6.32 2.89 -4.20
C MET A 264 7.25 2.15 -3.27
N PHE A 265 6.83 0.97 -2.82
CA PHE A 265 7.67 0.15 -1.97
C PHE A 265 8.20 -1.01 -2.75
N LEU A 266 9.34 -1.50 -2.25
CA LEU A 266 9.88 -2.80 -2.62
C LEU A 266 9.85 -3.64 -1.37
N GLY A 267 9.19 -4.79 -1.47
CA GLY A 267 9.10 -5.73 -0.33
C GLY A 267 9.87 -7.01 -0.65
N GLU A 268 10.57 -7.56 0.36
CA GLU A 268 11.20 -8.85 0.21
C GLU A 268 10.09 -9.79 0.59
N VAL A 269 9.68 -10.63 -0.36
CA VAL A 269 8.59 -11.56 -0.13
C VAL A 269 9.11 -13.04 -0.21
N ALA A 270 8.81 -13.81 0.84
CA ALA A 270 9.15 -15.20 0.96
C ALA A 270 8.03 -16.01 0.35
N LEU A 271 8.23 -16.36 -0.92
CA LEU A 271 7.16 -16.98 -1.74
C LEU A 271 7.05 -18.49 -1.53
N GLY A 272 8.15 -19.09 -1.11
CA GLY A 272 8.24 -20.53 -0.91
C GLY A 272 7.78 -21.29 -2.15
N ARG A 273 7.00 -22.34 -1.91
CA ARG A 273 6.43 -23.14 -3.02
C ARG A 273 5.22 -22.41 -3.69
N GLU A 274 5.34 -22.09 -4.97
CA GLU A 274 4.32 -21.25 -5.63
C GLU A 274 3.24 -22.10 -6.27
N HIS A 275 1.98 -21.68 -6.06
CA HIS A 275 0.84 -22.17 -6.81
C HIS A 275 0.50 -21.13 -7.88
N HIS A 276 0.58 -21.54 -9.14
CA HIS A 276 0.25 -20.66 -10.26
C HIS A 276 -1.20 -20.80 -10.72
N ILE A 277 -1.89 -19.69 -10.94
CA ILE A 277 -3.21 -19.73 -11.49
C ILE A 277 -3.23 -18.90 -12.75
N ASN A 278 -4.26 -19.09 -13.57
CA ASN A 278 -4.43 -18.31 -14.79
C ASN A 278 -5.82 -17.75 -14.96
N THR A 279 -6.61 -17.79 -13.90
CA THR A 279 -7.96 -17.25 -13.91
C THR A 279 -8.26 -16.60 -12.59
N ASP A 280 -9.10 -15.58 -12.61
CA ASP A 280 -9.37 -14.81 -11.37
C ASP A 280 -10.00 -15.71 -10.33
N ASN A 281 -9.61 -15.54 -9.06
CA ASN A 281 -10.34 -16.22 -7.93
C ASN A 281 -10.44 -15.26 -6.75
N PRO A 282 -11.48 -14.41 -6.72
CA PRO A 282 -11.58 -13.46 -5.63
C PRO A 282 -11.89 -14.10 -4.29
N SER A 283 -12.21 -15.40 -4.26
CA SER A 283 -12.56 -16.09 -3.01
C SER A 283 -11.41 -16.77 -2.24
N LEU A 284 -10.17 -16.68 -2.73
CA LEU A 284 -9.00 -17.25 -2.06
C LEU A 284 -8.68 -16.52 -0.72
N LYS A 285 -8.36 -17.29 0.30
CA LYS A 285 -7.95 -16.78 1.61
C LYS A 285 -6.63 -17.40 2.06
N SER A 286 -6.12 -18.35 1.28
CA SER A 286 -4.79 -18.98 1.50
C SER A 286 -4.38 -19.72 0.22
N PRO A 287 -3.09 -20.11 0.10
CA PRO A 287 -2.74 -20.97 -1.02
C PRO A 287 -3.34 -22.34 -0.79
N PRO A 288 -3.34 -23.22 -1.81
CA PRO A 288 -3.75 -24.59 -1.51
C PRO A 288 -2.76 -25.27 -0.54
N PRO A 289 -3.12 -26.47 -0.04
CA PRO A 289 -2.26 -27.09 0.94
C PRO A 289 -0.86 -27.47 0.45
N GLY A 290 0.15 -27.10 1.21
CA GLY A 290 1.52 -27.28 0.80
C GLY A 290 2.08 -26.25 -0.16
N PHE A 291 1.38 -25.16 -0.32
CA PHE A 291 1.91 -24.04 -1.06
C PHE A 291 1.95 -22.85 -0.10
N ASP A 292 2.96 -21.99 -0.29
CA ASP A 292 3.14 -20.76 0.53
C ASP A 292 2.70 -19.43 -0.18
N SER A 293 2.45 -19.47 -1.48
CA SER A 293 2.07 -18.29 -2.21
C SER A 293 1.24 -18.69 -3.44
N VAL A 294 0.46 -17.73 -3.94
CA VAL A 294 -0.32 -17.83 -5.16
C VAL A 294 0.15 -16.74 -6.13
N ILE A 295 0.60 -17.17 -7.29
CA ILE A 295 0.99 -16.26 -8.35
C ILE A 295 -0.04 -16.35 -9.49
N ALA A 296 -0.77 -15.25 -9.72
CA ALA A 296 -1.67 -15.14 -10.86
C ALA A 296 -0.79 -14.75 -12.01
N ARG A 297 -0.52 -15.71 -12.91
CA ARG A 297 0.54 -15.53 -13.89
C ARG A 297 0.14 -14.68 -15.06
N GLY A 298 1.02 -13.73 -15.38
CA GLY A 298 0.84 -12.84 -16.49
C GLY A 298 1.17 -13.42 -17.88
N HIS A 299 0.58 -12.82 -18.92
CA HIS A 299 1.06 -13.02 -20.31
C HIS A 299 2.54 -12.72 -20.44
N THR A 300 3.06 -11.86 -19.55
CA THR A 300 4.44 -11.46 -19.58
C THR A 300 5.10 -11.60 -18.20
N GLU A 301 6.43 -11.65 -18.20
CA GLU A 301 7.18 -11.66 -16.99
C GLU A 301 8.52 -11.01 -17.28
N PRO A 302 9.06 -10.24 -16.32
CA PRO A 302 10.43 -9.77 -16.49
C PRO A 302 11.37 -10.93 -16.82
N ASP A 303 12.11 -10.79 -17.93
CA ASP A 303 12.92 -11.90 -18.49
C ASP A 303 13.75 -12.59 -17.40
N PRO A 304 13.38 -13.82 -17.02
CA PRO A 304 14.01 -14.47 -15.90
C PRO A 304 15.55 -14.72 -16.04
N THR A 305 16.03 -14.74 -17.30
CA THR A 305 17.44 -14.95 -17.57
C THR A 305 18.25 -13.79 -17.08
N GLN A 306 17.61 -12.61 -16.95
CA GLN A 306 18.29 -11.41 -16.41
C GLN A 306 18.11 -11.21 -14.89
N ASP A 307 17.47 -12.18 -14.21
CA ASP A 307 17.28 -12.07 -12.77
C ASP A 307 18.64 -11.89 -12.09
N THR A 308 18.74 -11.00 -11.15
CA THR A 308 19.91 -10.95 -10.30
C THR A 308 19.50 -11.23 -8.85
N GLU A 309 20.47 -11.12 -7.94
CA GLU A 309 20.25 -11.34 -6.53
C GLU A 309 20.87 -10.24 -5.69
N LEU A 310 20.21 -9.98 -4.58
CA LEU A 310 20.79 -9.17 -3.54
C LEU A 310 20.82 -9.98 -2.26
N GLU A 311 21.74 -9.61 -1.39
CA GLU A 311 21.89 -10.20 -0.11
C GLU A 311 21.38 -9.23 0.94
N LEU A 312 20.32 -9.65 1.61
CA LEU A 312 19.66 -8.82 2.62
C LEU A 312 19.56 -9.68 3.87
N ASP A 313 20.15 -9.19 4.96
CA ASP A 313 20.23 -9.94 6.24
C ASP A 313 20.67 -11.35 6.02
N GLY A 314 21.74 -11.53 5.29
CA GLY A 314 22.29 -12.86 5.05
C GLY A 314 21.63 -13.77 4.03
N GLN A 315 20.50 -13.37 3.41
CA GLN A 315 19.68 -14.25 2.54
C GLN A 315 19.72 -13.71 1.10
N GLN A 316 19.64 -14.62 0.13
CA GLN A 316 19.63 -14.25 -1.26
C GLN A 316 18.20 -13.89 -1.61
N VAL A 317 18.04 -12.76 -2.29
CA VAL A 317 16.72 -12.27 -2.68
C VAL A 317 16.79 -11.97 -4.16
N VAL A 318 15.97 -12.67 -4.94
CA VAL A 318 15.88 -12.41 -6.38
C VAL A 318 15.30 -10.99 -6.70
N VAL A 319 16.00 -10.31 -7.60
CA VAL A 319 15.54 -9.06 -8.11
C VAL A 319 15.53 -9.17 -9.63
N PRO A 320 14.34 -9.03 -10.20
CA PRO A 320 14.28 -9.00 -11.68
C PRO A 320 15.01 -7.78 -12.22
N GLN A 321 15.64 -7.93 -13.38
CA GLN A 321 16.33 -6.84 -14.10
C GLN A 321 16.01 -6.78 -15.58
N GLY A 322 15.12 -7.63 -16.07
CA GLY A 322 14.90 -7.81 -17.51
C GLY A 322 13.63 -7.12 -17.93
N GLN A 323 13.50 -6.84 -19.22
CA GLN A 323 12.26 -6.33 -19.75
C GLN A 323 11.25 -7.46 -19.78
N PRO A 324 9.96 -7.09 -19.75
CA PRO A 324 9.00 -8.17 -19.75
C PRO A 324 9.10 -8.95 -21.04
N VAL A 325 9.01 -10.27 -20.98
CA VAL A 325 8.87 -11.07 -22.22
C VAL A 325 7.63 -11.94 -22.17
N PRO A 326 7.19 -12.50 -23.33
CA PRO A 326 6.02 -13.41 -23.30
C PRO A 326 6.30 -14.75 -22.66
N CYS A 327 5.32 -15.25 -21.90
CA CYS A 327 5.33 -16.57 -21.34
C CYS A 327 4.25 -17.41 -22.04
N PRO A 328 4.62 -18.22 -23.04
CA PRO A 328 3.61 -18.90 -23.86
C PRO A 328 2.68 -19.75 -23.07
N GLU A 329 3.16 -20.30 -21.96
CA GLU A 329 2.32 -21.15 -21.12
C GLU A 329 1.14 -20.35 -20.51
N PHE A 330 1.29 -19.05 -20.35
CA PHE A 330 0.21 -18.25 -19.77
C PHE A 330 -0.39 -17.23 -20.73
N SER A 331 -0.26 -17.50 -22.04
CA SER A 331 -0.71 -16.58 -23.09
C SER A 331 -2.20 -16.39 -23.10
N SER A 332 -2.94 -17.31 -22.50
CA SER A 332 -4.40 -17.18 -22.43
C SER A 332 -4.87 -16.84 -21.03
N SER A 333 -3.93 -16.54 -20.13
CA SER A 333 -4.30 -16.13 -18.75
C SER A 333 -5.26 -14.90 -18.71
N THR A 334 -6.15 -14.88 -17.74
CA THR A 334 -6.96 -13.71 -17.48
C THR A 334 -6.11 -12.51 -17.00
N PHE A 335 -4.82 -12.71 -16.71
CA PHE A 335 -3.97 -11.66 -16.20
C PHE A 335 -2.99 -11.23 -17.25
N SER A 336 -2.94 -9.94 -17.60
CA SER A 336 -1.90 -9.45 -18.53
C SER A 336 -0.51 -9.42 -17.90
N GLN A 337 -0.47 -9.12 -16.60
CA GLN A 337 0.76 -9.06 -15.81
C GLN A 337 0.58 -9.83 -14.50
N SER A 338 1.66 -10.38 -13.98
CA SER A 338 1.56 -11.23 -12.77
C SER A 338 1.18 -10.45 -11.51
N GLU A 339 0.34 -11.07 -10.67
CA GLU A 339 0.05 -10.63 -9.34
C GLU A 339 0.54 -11.71 -8.40
N TYR A 340 1.48 -11.32 -7.53
CA TYR A 340 2.04 -12.17 -6.50
C TYR A 340 1.31 -11.96 -5.19
N LEU A 341 0.79 -13.06 -4.63
CA LEU A 341 -0.02 -13.05 -3.44
C LEU A 341 0.58 -13.90 -2.28
N ILE A 342 0.56 -13.32 -1.09
CA ILE A 342 0.81 -14.05 0.17
C ILE A 342 -0.38 -13.84 1.04
N TYR A 343 -0.61 -14.75 1.96
CA TYR A 343 -1.85 -14.70 2.78
C TYR A 343 -1.52 -14.71 4.30
N GLN A 344 -0.25 -14.45 4.61
CA GLN A 344 0.24 -14.18 5.97
C GLN A 344 1.10 -12.89 5.93
N GLU A 345 0.78 -11.93 6.77
CA GLU A 345 1.57 -10.69 6.83
C GLU A 345 3.08 -10.92 7.03
N SER A 346 3.46 -11.95 7.78
CA SER A 346 4.86 -12.23 8.12
C SER A 346 5.74 -12.67 6.96
N GLN A 347 5.15 -13.05 5.83
CA GLN A 347 5.94 -13.45 4.65
C GLN A 347 6.53 -12.28 3.83
N CYS A 348 6.23 -11.05 4.23
CA CYS A 348 6.76 -9.85 3.60
C CYS A 348 7.48 -9.02 4.66
N ARG A 349 8.59 -8.47 4.23
CA ARG A 349 9.36 -7.51 4.97
C ARG A 349 9.60 -6.29 4.06
N LEU A 350 9.17 -5.08 4.44
CA LEU A 350 9.50 -3.90 3.64
C LEU A 350 10.99 -3.68 3.64
N ARG A 351 11.52 -3.30 2.49
CA ARG A 351 12.97 -3.08 2.30
C ARG A 351 13.35 -1.74 1.71
N TYR A 352 12.57 -1.22 0.76
CA TYR A 352 12.82 0.09 0.14
C TYR A 352 11.55 0.87 -0.07
N LEU A 353 11.67 2.21 -0.04
CA LEU A 353 10.67 3.16 -0.44
C LEU A 353 11.28 4.03 -1.52
N LEU A 354 10.58 4.16 -2.63
CA LEU A 354 10.99 5.03 -3.72
C LEU A 354 10.10 6.25 -3.85
N GLU A 355 10.72 7.40 -4.07
CA GLU A 355 9.94 8.56 -4.56
C GLU A 355 10.06 8.66 -6.06
N VAL A 356 8.94 8.77 -6.76
CA VAL A 356 9.00 8.84 -8.23
C VAL A 356 8.18 10.04 -8.71
N HIS A 357 8.58 10.62 -9.84
CA HIS A 357 7.89 11.77 -10.42
C HIS A 357 7.47 11.31 -11.78
#